data_3U1C
#
_entry.id   3U1C
#
_cell.length_a   76.654
_cell.length_b   76.654
_cell.length_c   79.693
_cell.angle_alpha   90.00
_cell.angle_beta   90.00
_cell.angle_gamma   90.00
#
_symmetry.space_group_name_H-M   'P 43 21 2'
#
loop_
_entity.id
_entity.type
_entity.pdbx_description
1 polymer 'Tropomyosin alpha-1 chain'
2 water water
#
_entity_poly.entity_id   1
_entity_poly.type   'polypeptide(L)'
_entity_poly.pdbx_seq_one_letter_code
;AGHMDAIKKKMQMLKLDKENALDRAEQAEADKKAAEERSKQLEDDIVQLEKQLRVTEDSRDQVLEELHKSEDSLLFAEEN
AAKAESEVASLNRRIQLVEEE
;
_entity_poly.pdbx_strand_id   A,B
#
# COMPACT_ATOMS: atom_id res chain seq x y z
N ALA A 1 -10.31 56.86 25.61
CA ALA A 1 -10.08 55.42 25.70
C ALA A 1 -9.93 54.97 27.17
N GLY A 2 -10.92 54.24 27.66
CA GLY A 2 -10.95 53.82 29.04
C GLY A 2 -9.84 52.86 29.45
N HIS A 3 -9.75 52.59 30.76
CA HIS A 3 -8.84 51.58 31.28
C HIS A 3 -9.07 50.30 30.50
N MET A 4 -10.34 50.01 30.24
CA MET A 4 -10.73 48.77 29.58
C MET A 4 -10.47 48.81 28.07
N ASP A 5 -10.42 50.03 27.52
CA ASP A 5 -10.09 50.23 26.11
C ASP A 5 -8.67 49.79 25.82
N ALA A 6 -7.77 50.12 26.74
CA ALA A 6 -6.37 49.72 26.64
C ALA A 6 -6.20 48.23 26.75
N ILE A 7 -6.89 47.62 27.72
CA ILE A 7 -6.85 46.17 27.93
C ILE A 7 -7.42 45.49 26.71
N LYS A 8 -8.48 46.08 26.17
CA LYS A 8 -9.07 45.56 24.95
C LYS A 8 -8.01 45.49 23.84
N LYS A 9 -7.26 46.57 23.69
CA LYS A 9 -6.27 46.75 22.62
C LYS A 9 -5.17 45.67 22.70
N LYS A 10 -4.73 45.41 23.92
CA LYS A 10 -3.69 44.45 24.18
C LYS A 10 -4.13 43.00 24.01
N MET A 11 -5.38 42.71 24.38
CA MET A 11 -5.96 41.37 24.15
C MET A 11 -6.06 41.12 22.67
N GLN A 12 -6.35 42.18 21.92
CA GLN A 12 -6.42 42.05 20.46
C GLN A 12 -5.07 41.76 19.84
N MET A 13 -4.02 42.39 20.34
CA MET A 13 -2.69 42.11 19.78
C MET A 13 -2.21 40.72 20.15
N LEU A 14 -2.57 40.28 21.34
CA LEU A 14 -2.24 38.92 21.79
C LEU A 14 -3.01 37.85 21.00
N LYS A 15 -4.23 38.15 20.65
CA LYS A 15 -5.08 37.24 19.92
C LYS A 15 -4.51 37.08 18.53
N LEU A 16 -4.04 38.18 17.98
CA LEU A 16 -3.33 38.18 16.70
C LEU A 16 -2.08 37.26 16.73
N ASP A 17 -1.28 37.33 17.79
CA ASP A 17 -0.11 36.47 17.98
C ASP A 17 -0.56 35.02 18.06
N LYS A 18 -1.64 34.78 18.79
CA LYS A 18 -2.14 33.40 18.97
C LYS A 18 -2.65 32.78 17.66
N GLU A 19 -3.33 33.60 16.84
CA GLU A 19 -3.82 33.18 15.55
C GLU A 19 -2.66 32.75 14.65
N ASN A 20 -1.54 33.46 14.73
CA ASN A 20 -0.34 33.04 14.03
C ASN A 20 0.30 31.77 14.59
N ALA A 21 0.40 31.66 15.91
CA ALA A 21 0.82 30.39 16.52
C ALA A 21 -0.07 29.24 16.06
N LEU A 22 -1.39 29.45 16.04
CA LEU A 22 -2.34 28.44 15.58
C LEU A 22 -2.07 28.08 14.11
N ASP A 23 -1.88 29.07 13.26
CA ASP A 23 -1.52 28.78 11.86
C ASP A 23 -0.32 27.84 11.82
N ARG A 24 0.71 28.16 12.60
CA ARG A 24 1.89 27.29 12.63
C ARG A 24 1.64 25.87 13.15
N ALA A 25 0.70 25.72 14.07
CA ALA A 25 0.34 24.41 14.58
C ALA A 25 -0.31 23.61 13.47
N GLU A 26 -1.12 24.29 12.66
CA GLU A 26 -1.88 23.65 11.58
C GLU A 26 -0.94 23.25 10.45
N GLN A 27 0.05 24.08 10.18
CA GLN A 27 1.05 23.72 9.18
C GLN A 27 1.79 22.45 9.62
N ALA A 28 2.29 22.49 10.85
CA ALA A 28 3.01 21.35 11.46
C ALA A 28 2.19 20.08 11.42
N GLU A 29 0.93 20.16 11.85
CA GLU A 29 0.07 18.98 11.78
C GLU A 29 -0.16 18.47 10.35
N ALA A 30 -0.28 19.41 9.42
CA ALA A 30 -0.28 19.01 8.00
C ALA A 30 1.04 18.32 7.63
N ASP A 31 2.15 18.89 8.08
CA ASP A 31 3.48 18.36 7.72
C ASP A 31 3.73 16.97 8.28
N LYS A 32 3.04 16.63 9.36
CA LYS A 32 3.17 15.35 10.03
C LYS A 32 2.43 14.28 9.23
N LYS A 33 1.28 14.65 8.69
CA LYS A 33 0.54 13.76 7.80
C LYS A 33 1.22 13.60 6.45
N ALA A 34 1.76 14.68 5.90
CA ALA A 34 2.44 14.53 4.60
C ALA A 34 3.63 13.55 4.74
N ALA A 35 4.39 13.70 5.82
CA ALA A 35 5.51 12.80 6.12
C ALA A 35 5.08 11.35 6.37
N GLU A 36 4.00 11.17 7.13
CA GLU A 36 3.55 9.81 7.43
C GLU A 36 3.01 9.13 6.18
N GLU A 37 2.33 9.90 5.33
CA GLU A 37 1.85 9.39 4.05
C GLU A 37 2.99 9.02 3.12
N ARG A 38 4.07 9.82 3.12
CA ARG A 38 5.20 9.47 2.26
C ARG A 38 5.97 8.26 2.82
N SER A 39 6.26 8.28 4.11
CA SER A 39 6.94 7.17 4.76
C SER A 39 6.24 5.86 4.36
N LYS A 40 4.91 5.86 4.39
CA LYS A 40 4.11 4.69 4.00
C LYS A 40 4.34 4.34 2.54
N GLN A 41 4.30 5.36 1.68
N GLN A 41 4.27 5.36 1.69
CA GLN A 41 4.55 5.18 0.25
CA GLN A 41 4.56 5.20 0.26
C GLN A 41 5.87 4.45 0.04
C GLN A 41 5.87 4.44 0.05
N LEU A 42 6.91 4.94 0.69
CA LEU A 42 8.26 4.41 0.49
C LEU A 42 8.45 3.03 1.08
N GLU A 43 7.83 2.77 2.22
CA GLU A 43 7.93 1.48 2.88
C GLU A 43 7.38 0.39 1.96
N ASP A 44 6.31 0.71 1.26
CA ASP A 44 5.77 -0.18 0.24
C ASP A 44 6.73 -0.31 -0.94
N ASP A 45 7.36 0.81 -1.28
CA ASP A 45 8.35 0.81 -2.34
C ASP A 45 9.36 -0.28 -2.06
N ILE A 46 9.89 -0.32 -0.84
CA ILE A 46 10.91 -1.33 -0.56
C ILE A 46 10.31 -2.73 -0.55
N VAL A 47 9.06 -2.86 -0.10
CA VAL A 47 8.45 -4.18 -0.16
C VAL A 47 8.55 -4.65 -1.61
N GLN A 48 8.05 -3.82 -2.52
CA GLN A 48 8.10 -4.10 -3.95
C GLN A 48 9.49 -4.43 -4.47
N LEU A 49 10.49 -3.74 -3.96
CA LEU A 49 11.86 -4.00 -4.38
CA LEU A 49 11.88 -3.98 -4.37
C LEU A 49 12.42 -5.29 -3.78
N GLU A 50 12.05 -5.59 -2.53
CA GLU A 50 12.43 -6.84 -1.91
C GLU A 50 11.91 -8.04 -2.71
N LYS A 51 10.66 -7.93 -3.20
CA LYS A 51 10.05 -8.98 -4.00
CA LYS A 51 10.05 -8.98 -4.00
C LYS A 51 10.73 -9.05 -5.36
N GLN A 52 11.08 -7.90 -5.91
CA GLN A 52 11.73 -7.87 -7.21
C GLN A 52 13.11 -8.53 -7.11
N LEU A 53 13.76 -8.31 -5.98
CA LEU A 53 15.06 -8.89 -5.68
C LEU A 53 14.94 -10.41 -5.66
N ARG A 54 13.92 -10.91 -4.97
CA ARG A 54 13.71 -12.34 -4.84
CA ARG A 54 13.70 -12.34 -4.84
C ARG A 54 13.44 -12.97 -6.21
N VAL A 55 12.78 -12.23 -7.08
CA VAL A 55 12.56 -12.72 -8.43
C VAL A 55 13.87 -12.84 -9.15
N THR A 56 14.58 -11.73 -9.27
CA THR A 56 15.85 -11.77 -10.02
C THR A 56 16.75 -12.86 -9.47
N GLU A 57 16.60 -13.18 -8.18
CA GLU A 57 17.39 -14.22 -7.54
C GLU A 57 16.97 -15.62 -7.96
N ASP A 58 15.67 -15.84 -8.06
CA ASP A 58 15.15 -17.13 -8.54
C ASP A 58 15.51 -17.32 -10.00
N SER A 59 15.43 -16.22 -10.76
CA SER A 59 15.78 -16.22 -12.18
C SER A 59 17.26 -16.47 -12.40
N ARG A 60 18.08 -16.10 -11.42
CA ARG A 60 19.50 -16.38 -11.46
C ARG A 60 19.73 -17.85 -11.13
N ASP A 61 19.07 -18.31 -10.07
CA ASP A 61 19.17 -19.68 -9.63
C ASP A 61 18.86 -20.63 -10.78
N GLN A 62 18.01 -20.15 -11.70
CA GLN A 62 17.50 -20.91 -12.83
C GLN A 62 18.55 -21.01 -13.95
N VAL A 63 19.21 -19.91 -14.27
CA VAL A 63 20.37 -19.98 -15.18
C VAL A 63 21.44 -20.92 -14.60
N LEU A 64 21.59 -20.92 -13.28
CA LEU A 64 22.59 -21.76 -12.62
C LEU A 64 22.25 -23.23 -12.84
N GLU A 65 20.97 -23.56 -12.76
CA GLU A 65 20.51 -24.92 -12.99
C GLU A 65 20.87 -25.37 -14.41
N GLU A 66 20.49 -24.56 -15.39
CA GLU A 66 20.89 -24.78 -16.78
C GLU A 66 22.40 -24.90 -16.92
N LEU A 67 23.13 -24.07 -16.18
CA LEU A 67 24.58 -24.17 -16.25
C LEU A 67 25.02 -25.56 -15.82
N HIS A 68 24.51 -26.00 -14.68
CA HIS A 68 24.81 -27.31 -14.12
C HIS A 68 24.48 -28.47 -15.06
N LYS A 69 23.35 -28.38 -15.74
CA LYS A 69 23.01 -29.37 -16.75
C LYS A 69 23.98 -29.33 -17.93
N SER A 70 24.52 -28.16 -18.23
CA SER A 70 25.44 -28.04 -19.35
C SER A 70 26.83 -28.59 -19.01
N GLU A 71 27.20 -28.43 -17.75
CA GLU A 71 28.51 -28.85 -17.27
C GLU A 71 28.46 -30.36 -17.32
N ASP A 72 27.31 -30.90 -16.91
CA ASP A 72 27.04 -32.33 -16.94
C ASP A 72 27.06 -32.90 -18.36
N SER A 73 26.35 -32.25 -19.29
CA SER A 73 26.55 -32.52 -20.72
C SER A 73 28.02 -32.60 -21.14
N LEU A 74 28.82 -31.60 -20.79
CA LEU A 74 30.24 -31.61 -21.11
C LEU A 74 30.97 -32.88 -20.62
N LEU A 75 30.82 -33.18 -19.33
CA LEU A 75 31.47 -34.36 -18.75
C LEU A 75 31.08 -35.65 -19.46
N PHE A 76 29.78 -35.80 -19.74
CA PHE A 76 29.30 -36.96 -20.47
C PHE A 76 29.91 -37.03 -21.87
N ALA A 77 30.11 -35.86 -22.47
CA ALA A 77 30.73 -35.83 -23.81
C ALA A 77 32.18 -36.27 -23.71
N GLU A 78 32.90 -35.80 -22.68
CA GLU A 78 34.27 -36.27 -22.43
C GLU A 78 34.34 -37.80 -22.24
N GLU A 79 33.39 -38.34 -21.46
CA GLU A 79 33.34 -39.76 -21.18
C GLU A 79 33.16 -40.49 -22.50
N ASN A 80 32.20 -40.03 -23.30
CA ASN A 80 31.93 -40.62 -24.63
C ASN A 80 33.10 -40.51 -25.60
N ALA A 81 33.83 -39.40 -25.56
CA ALA A 81 35.00 -39.22 -26.39
C ALA A 81 36.07 -40.29 -26.07
N ALA A 82 36.34 -40.47 -24.78
CA ALA A 82 37.32 -41.47 -24.34
C ALA A 82 36.91 -42.90 -24.67
N LYS A 83 35.60 -43.17 -24.55
CA LYS A 83 35.02 -44.48 -24.85
C LYS A 83 35.29 -44.79 -26.32
N ALA A 84 34.95 -43.86 -27.21
CA ALA A 84 35.13 -44.07 -28.66
C ALA A 84 36.59 -44.16 -29.05
N GLU A 85 37.46 -43.40 -28.40
CA GLU A 85 38.89 -43.45 -28.65
C GLU A 85 39.44 -44.83 -28.32
N SER A 86 38.95 -45.35 -27.21
CA SER A 86 39.28 -46.70 -26.75
C SER A 86 38.83 -47.76 -27.78
N GLU A 87 37.60 -47.66 -28.25
CA GLU A 87 37.08 -48.56 -29.27
C GLU A 87 37.93 -48.54 -30.54
N VAL A 88 38.31 -47.34 -30.99
CA VAL A 88 39.15 -47.20 -32.20
C VAL A 88 40.51 -47.88 -32.01
N ALA A 89 41.12 -47.72 -30.83
CA ALA A 89 42.39 -48.38 -30.54
C ALA A 89 42.20 -49.91 -30.52
N SER A 90 41.09 -50.36 -29.97
CA SER A 90 40.80 -51.80 -29.95
C SER A 90 40.62 -52.35 -31.37
N LEU A 91 39.93 -51.61 -32.24
CA LEU A 91 39.75 -52.07 -33.63
C LEU A 91 41.06 -52.03 -34.43
N ASN A 92 41.88 -51.01 -34.18
CA ASN A 92 43.21 -51.00 -34.80
C ASN A 92 44.06 -52.21 -34.40
N ARG A 93 44.00 -52.65 -33.14
CA ARG A 93 44.79 -53.83 -32.74
C ARG A 93 44.22 -55.02 -33.48
N ARG A 94 42.89 -55.15 -33.49
CA ARG A 94 42.26 -56.25 -34.22
C ARG A 94 42.58 -56.32 -35.72
N ILE A 95 42.61 -55.19 -36.42
CA ILE A 95 42.93 -55.18 -37.86
C ILE A 95 44.35 -55.57 -38.08
N GLN A 96 45.22 -55.10 -37.18
CA GLN A 96 46.63 -55.51 -37.22
C GLN A 96 46.79 -57.03 -37.08
N LEU A 97 46.07 -57.63 -36.14
CA LEU A 97 46.17 -59.07 -35.89
C LEU A 97 45.54 -59.86 -37.03
N VAL A 98 44.42 -59.36 -37.57
CA VAL A 98 43.81 -59.98 -38.75
C VAL A 98 44.74 -60.01 -39.97
N GLU A 99 45.38 -58.87 -40.24
CA GLU A 99 46.27 -58.76 -41.38
C GLU A 99 47.38 -59.81 -41.30
N GLU A 100 47.78 -60.14 -40.07
CA GLU A 100 48.91 -61.06 -39.81
C GLU A 100 48.54 -62.53 -39.88
N GLU A 101 47.27 -62.84 -40.10
CA GLU A 101 46.83 -64.24 -40.18
C GLU A 101 47.28 -64.89 -41.47
N ALA B 1 -32.44 77.29 24.69
CA ALA B 1 -31.93 75.98 24.30
C ALA B 1 -30.99 75.39 25.35
N GLY B 2 -31.44 75.37 26.61
CA GLY B 2 -30.69 74.74 27.68
C GLY B 2 -30.82 73.22 27.58
N HIS B 3 -31.69 72.80 26.67
CA HIS B 3 -31.90 71.39 26.36
C HIS B 3 -31.29 70.96 25.03
N MET B 4 -30.70 71.90 24.32
CA MET B 4 -29.92 71.58 23.11
C MET B 4 -28.52 71.14 23.51
N ASP B 5 -28.20 71.33 24.80
CA ASP B 5 -27.01 70.77 25.42
C ASP B 5 -27.38 69.36 25.89
N ALA B 6 -28.59 69.22 26.38
CA ALA B 6 -29.10 67.95 26.88
C ALA B 6 -29.29 66.96 25.73
N ILE B 7 -29.89 67.44 24.65
CA ILE B 7 -30.09 66.65 23.45
C ILE B 7 -28.74 66.30 22.83
N LYS B 8 -27.81 67.24 22.84
CA LYS B 8 -26.47 66.99 22.33
C LYS B 8 -25.84 65.83 23.11
N LYS B 9 -25.90 65.93 24.44
CA LYS B 9 -25.43 64.87 25.34
C LYS B 9 -26.11 63.53 25.09
N LYS B 10 -27.43 63.54 24.99
CA LYS B 10 -28.18 62.32 24.69
C LYS B 10 -27.61 61.63 23.43
N MET B 11 -27.44 62.42 22.36
CA MET B 11 -26.96 61.91 21.09
C MET B 11 -25.60 61.30 21.26
N GLN B 12 -24.71 62.08 21.85
CA GLN B 12 -23.36 61.62 22.18
C GLN B 12 -23.44 60.22 22.77
N MET B 13 -24.24 60.08 23.83
CA MET B 13 -24.36 58.80 24.53
C MET B 13 -24.87 57.69 23.64
N LEU B 14 -25.94 57.98 22.90
CA LEU B 14 -26.57 56.98 22.04
C LEU B 14 -25.64 56.52 20.91
N LYS B 15 -24.89 57.47 20.34
CA LYS B 15 -23.99 57.16 19.21
C LYS B 15 -22.86 56.27 19.66
N LEU B 16 -22.28 56.55 20.83
CA LEU B 16 -21.31 55.64 21.46
C LEU B 16 -21.90 54.25 21.75
N ASP B 17 -23.13 54.20 22.28
CA ASP B 17 -23.77 52.92 22.54
C ASP B 17 -23.98 52.13 21.24
N LYS B 18 -24.36 52.84 20.18
CA LYS B 18 -24.64 52.24 18.89
C LYS B 18 -23.35 51.64 18.32
N GLU B 19 -22.24 52.34 18.46
CA GLU B 19 -20.96 51.81 18.00
C GLU B 19 -20.60 50.48 18.69
N ASN B 20 -20.74 50.40 20.02
CA ASN B 20 -20.47 49.12 20.72
C ASN B 20 -21.43 48.01 20.33
N ALA B 21 -22.69 48.39 20.09
CA ALA B 21 -23.68 47.41 19.60
C ALA B 21 -23.29 46.91 18.21
N LEU B 22 -22.84 47.82 17.36
CA LEU B 22 -22.51 47.46 15.97
C LEU B 22 -21.32 46.53 15.99
N ASP B 23 -20.38 46.80 16.91
CA ASP B 23 -19.23 45.91 17.11
C ASP B 23 -19.69 44.48 17.41
N ARG B 24 -20.59 44.34 18.37
CA ARG B 24 -21.11 43.01 18.78
C ARG B 24 -21.90 42.34 17.68
N ALA B 25 -22.66 43.12 16.94
CA ALA B 25 -23.42 42.57 15.79
C ALA B 25 -22.50 42.03 14.71
N GLU B 26 -21.42 42.76 14.47
CA GLU B 26 -20.45 42.37 13.46
C GLU B 26 -19.73 41.10 13.86
N GLN B 27 -19.36 40.99 15.14
CA GLN B 27 -18.66 39.78 15.64
C GLN B 27 -19.60 38.58 15.68
N ALA B 28 -20.79 38.75 16.24
CA ALA B 28 -21.77 37.69 16.22
C ALA B 28 -22.04 37.21 14.78
N GLU B 29 -22.07 38.16 13.84
CA GLU B 29 -22.29 37.83 12.45
CA GLU B 29 -22.30 37.82 12.45
C GLU B 29 -21.10 37.09 11.86
N ALA B 30 -19.92 37.32 12.45
CA ALA B 30 -18.73 36.60 12.04
C ALA B 30 -18.77 35.18 12.63
N ASP B 31 -19.14 35.08 13.90
CA ASP B 31 -19.19 33.82 14.63
C ASP B 31 -20.23 32.88 14.04
N LYS B 32 -21.34 33.47 13.64
CA LYS B 32 -22.42 32.78 12.93
C LYS B 32 -21.85 32.23 11.65
N LYS B 33 -21.31 33.10 10.82
CA LYS B 33 -20.78 32.69 9.52
C LYS B 33 -19.57 31.73 9.64
N ALA B 34 -18.93 31.73 10.80
CA ALA B 34 -17.86 30.80 11.11
C ALA B 34 -18.44 29.42 11.49
N ALA B 35 -19.44 29.42 12.38
CA ALA B 35 -20.13 28.19 12.73
C ALA B 35 -20.78 27.58 11.50
N GLU B 36 -21.17 28.46 10.57
CA GLU B 36 -21.83 28.01 9.35
C GLU B 36 -20.85 27.22 8.53
N GLU B 37 -19.65 27.77 8.36
CA GLU B 37 -18.63 27.15 7.50
C GLU B 37 -18.08 25.87 8.09
N ARG B 38 -18.04 25.81 9.41
CA ARG B 38 -17.55 24.62 10.07
C ARG B 38 -18.52 23.47 9.76
N SER B 39 -19.80 23.70 10.02
CA SER B 39 -20.85 22.70 9.78
C SER B 39 -20.81 22.17 8.36
N LYS B 40 -20.70 23.08 7.39
CA LYS B 40 -20.72 22.74 5.97
C LYS B 40 -19.60 21.79 5.60
N GLN B 41 -18.42 22.06 6.17
CA GLN B 41 -17.24 21.30 5.80
C GLN B 41 -17.28 19.97 6.56
N LEU B 42 -17.82 19.99 7.78
CA LEU B 42 -18.09 18.74 8.48
C LEU B 42 -19.12 17.92 7.68
N GLU B 43 -20.15 18.57 7.13
CA GLU B 43 -21.13 17.85 6.32
CA GLU B 43 -21.12 17.80 6.36
C GLU B 43 -20.43 17.23 5.13
N ASP B 44 -19.60 18.04 4.49
CA ASP B 44 -18.81 17.63 3.32
C ASP B 44 -17.82 16.50 3.62
N ASP B 45 -17.27 16.49 4.82
CA ASP B 45 -16.45 15.35 5.24
C ASP B 45 -17.30 14.09 5.30
N ILE B 46 -18.57 14.21 5.68
CA ILE B 46 -19.41 13.02 5.77
C ILE B 46 -19.68 12.47 4.38
N VAL B 47 -19.96 13.36 3.42
CA VAL B 47 -20.23 12.93 2.05
C VAL B 47 -19.06 12.13 1.47
N GLN B 48 -17.84 12.55 1.79
CA GLN B 48 -16.70 11.88 1.17
C GLN B 48 -16.37 10.56 1.87
N LEU B 49 -16.50 10.55 3.20
CA LEU B 49 -16.35 9.30 3.94
C LEU B 49 -17.41 8.26 3.55
N GLU B 50 -18.65 8.69 3.35
CA GLU B 50 -19.72 7.77 2.94
C GLU B 50 -19.41 7.17 1.56
N LYS B 51 -18.96 8.01 0.65
CA LYS B 51 -18.50 7.55 -0.65
C LYS B 51 -17.36 6.58 -0.47
N GLN B 52 -16.45 6.85 0.47
CA GLN B 52 -15.32 5.93 0.70
C GLN B 52 -15.76 4.56 1.23
N LEU B 53 -16.77 4.52 2.10
CA LEU B 53 -17.35 3.26 2.57
C LEU B 53 -17.90 2.44 1.40
N ARG B 54 -18.54 3.10 0.44
CA ARG B 54 -19.19 2.37 -0.66
C ARG B 54 -18.17 1.75 -1.61
N VAL B 55 -17.07 2.47 -1.83
CA VAL B 55 -15.97 2.00 -2.66
C VAL B 55 -15.29 0.77 -2.02
N THR B 56 -15.10 0.82 -0.69
CA THR B 56 -14.50 -0.28 0.08
C THR B 56 -15.44 -1.49 0.29
N GLU B 57 -16.74 -1.24 0.48
CA GLU B 57 -17.68 -2.35 0.59
C GLU B 57 -17.80 -3.05 -0.75
N ASP B 58 -17.84 -2.27 -1.82
CA ASP B 58 -18.00 -2.85 -3.16
C ASP B 58 -16.85 -3.78 -3.47
N SER B 59 -15.64 -3.33 -3.13
CA SER B 59 -14.44 -4.11 -3.31
C SER B 59 -14.44 -5.33 -2.41
N ARG B 60 -14.96 -5.17 -1.20
CA ARG B 60 -15.05 -6.30 -0.29
C ARG B 60 -15.99 -7.35 -0.85
N ASP B 61 -17.08 -6.89 -1.46
CA ASP B 61 -18.13 -7.78 -1.93
C ASP B 61 -17.58 -8.56 -3.12
N GLN B 62 -16.89 -7.83 -3.99
CA GLN B 62 -16.24 -8.42 -5.15
C GLN B 62 -15.24 -9.47 -4.71
N VAL B 63 -14.46 -9.16 -3.69
CA VAL B 63 -13.47 -10.11 -3.18
C VAL B 63 -14.07 -11.33 -2.44
N LEU B 64 -15.13 -11.12 -1.66
CA LEU B 64 -15.89 -12.24 -1.10
C LEU B 64 -16.38 -13.23 -2.17
N GLU B 65 -17.11 -12.70 -3.17
CA GLU B 65 -17.61 -13.49 -4.28
C GLU B 65 -16.48 -14.35 -4.76
N GLU B 66 -15.35 -13.70 -5.03
CA GLU B 66 -14.22 -14.45 -5.64
C GLU B 66 -13.68 -15.47 -4.66
N LEU B 67 -13.57 -15.11 -3.38
CA LEU B 67 -13.10 -16.08 -2.37
C LEU B 67 -13.96 -17.36 -2.39
N HIS B 68 -15.26 -17.20 -2.61
CA HIS B 68 -16.17 -18.33 -2.52
C HIS B 68 -15.95 -19.24 -3.73
N LYS B 69 -15.85 -18.65 -4.93
CA LYS B 69 -15.54 -19.43 -6.15
C LYS B 69 -14.23 -20.19 -5.98
N SER B 70 -13.20 -19.49 -5.50
CA SER B 70 -11.89 -20.08 -5.24
C SER B 70 -11.85 -21.17 -4.17
N GLU B 71 -12.85 -21.20 -3.28
CA GLU B 71 -12.91 -22.27 -2.29
C GLU B 71 -13.58 -23.47 -2.93
N ASP B 72 -14.65 -23.20 -3.68
CA ASP B 72 -15.26 -24.21 -4.52
C ASP B 72 -14.17 -24.89 -5.34
N SER B 73 -13.36 -24.07 -6.00
CA SER B 73 -12.32 -24.59 -6.90
C SER B 73 -11.27 -25.42 -6.15
N LEU B 74 -10.95 -25.02 -4.93
CA LEU B 74 -9.98 -25.76 -4.11
C LEU B 74 -10.46 -27.18 -3.79
N LEU B 75 -11.74 -27.29 -3.42
CA LEU B 75 -12.38 -28.58 -3.22
C LEU B 75 -12.17 -29.49 -4.43
N PHE B 76 -12.42 -28.95 -5.62
CA PHE B 76 -12.42 -29.75 -6.84
C PHE B 76 -11.00 -30.23 -7.17
N ALA B 77 -10.04 -29.39 -6.81
CA ALA B 77 -8.62 -29.69 -6.93
C ALA B 77 -8.11 -30.75 -5.94
N GLU B 78 -8.66 -30.77 -4.74
CA GLU B 78 -8.29 -31.79 -3.76
C GLU B 78 -8.84 -33.13 -4.21
N GLU B 79 -10.00 -33.11 -4.86
CA GLU B 79 -10.56 -34.37 -5.36
C GLU B 79 -9.84 -34.92 -6.56
N ASN B 80 -9.29 -34.04 -7.40
CA ASN B 80 -8.44 -34.46 -8.49
C ASN B 80 -7.11 -35.02 -8.00
N ALA B 81 -6.50 -34.36 -7.02
CA ALA B 81 -5.29 -34.87 -6.38
C ALA B 81 -5.52 -36.26 -5.80
N ALA B 82 -6.55 -36.37 -4.96
CA ALA B 82 -6.93 -37.65 -4.36
C ALA B 82 -6.96 -38.77 -5.39
N LYS B 83 -7.60 -38.52 -6.53
CA LYS B 83 -7.76 -39.57 -7.54
C LYS B 83 -6.43 -40.00 -8.12
N ALA B 84 -5.60 -39.02 -8.44
CA ALA B 84 -4.30 -39.24 -9.05
C ALA B 84 -3.35 -39.97 -8.12
N GLU B 85 -3.41 -39.66 -6.83
CA GLU B 85 -2.68 -40.40 -5.80
C GLU B 85 -3.11 -41.83 -5.76
N SER B 86 -4.43 -42.06 -5.71
CA SER B 86 -4.91 -43.43 -5.63
C SER B 86 -4.45 -44.22 -6.86
N GLU B 87 -4.32 -43.56 -8.01
CA GLU B 87 -3.94 -44.28 -9.23
C GLU B 87 -2.46 -44.70 -9.19
N VAL B 88 -1.64 -43.82 -8.64
CA VAL B 88 -0.21 -44.06 -8.50
C VAL B 88 0.02 -45.20 -7.51
N ALA B 89 -0.71 -45.15 -6.41
CA ALA B 89 -0.62 -46.19 -5.40
C ALA B 89 -1.05 -47.56 -5.98
N SER B 90 -2.10 -47.58 -6.78
CA SER B 90 -2.53 -48.86 -7.37
C SER B 90 -1.48 -49.40 -8.32
N LEU B 91 -0.94 -48.52 -9.15
CA LEU B 91 0.09 -48.88 -10.11
C LEU B 91 1.35 -49.39 -9.39
N ASN B 92 1.75 -48.71 -8.32
CA ASN B 92 2.79 -49.19 -7.41
C ASN B 92 2.51 -50.59 -6.86
N ARG B 93 1.29 -50.82 -6.39
CA ARG B 93 0.96 -52.15 -5.87
C ARG B 93 0.97 -53.24 -6.96
N ARG B 94 0.60 -52.88 -8.19
CA ARG B 94 0.61 -53.81 -9.33
CA ARG B 94 0.61 -53.84 -9.29
CA ARG B 94 0.62 -53.83 -9.30
C ARG B 94 2.05 -54.19 -9.64
N ILE B 95 2.90 -53.16 -9.75
CA ILE B 95 4.30 -53.36 -10.07
C ILE B 95 4.97 -54.24 -9.01
N GLN B 96 4.61 -54.03 -7.74
CA GLN B 96 5.12 -54.87 -6.66
C GLN B 96 4.77 -56.35 -6.88
N LEU B 97 3.54 -56.61 -7.29
CA LEU B 97 3.07 -57.99 -7.55
C LEU B 97 3.79 -58.66 -8.71
N VAL B 98 4.03 -57.92 -9.80
CA VAL B 98 4.62 -58.53 -10.99
C VAL B 98 6.09 -58.88 -10.75
N GLU B 99 6.73 -58.12 -9.89
CA GLU B 99 8.11 -58.38 -9.47
C GLU B 99 8.22 -59.62 -8.58
N GLU B 100 7.08 -60.13 -8.14
CA GLU B 100 7.06 -61.36 -7.34
C GLU B 100 6.63 -62.55 -8.20
N GLU B 101 7.11 -62.55 -9.44
CA GLU B 101 6.82 -63.62 -10.38
C GLU B 101 8.05 -63.91 -11.23
#